data_6F9W
#
_entry.id   6F9W
#
_cell.length_a   64.890
_cell.length_b   64.890
_cell.length_c   61.670
_cell.angle_alpha   90.00
_cell.angle_beta   90.00
_cell.angle_gamma   90.00
#
_symmetry.space_group_name_H-M   'P 4 21 2'
#
loop_
_entity.id
_entity.type
_entity.pdbx_description
1 polymer 'Protein LSM14 homolog A'
2 polymer 'Eukaryotic translation initiation factor 4E transporter'
#
loop_
_entity_poly.entity_id
_entity_poly.type
_entity_poly.pdbx_seq_one_letter_code
_entity_poly.pdbx_strand_id
1 'polypeptide(L)'
;SNAMSGGTPYIGSKISLISKAEIRYEGILYTIDTENSTVALAKVRSFGTEDRPTDRPIPPRDEVFEYIIFRGSDIKDLTV
CEPPKPQ
;
A
2 'polypeptide(L)' GPLGSGLAKWFGSD(MSE)LQQPLPS(MSE)PAKVISVDELEYRQ B
#
# COMPACT_ATOMS: atom_id res chain seq x y z
N THR A 8 -2.60 20.20 -8.64
CA THR A 8 -3.78 19.42 -8.27
C THR A 8 -3.63 17.97 -8.73
N PRO A 9 -4.09 17.01 -7.90
CA PRO A 9 -3.92 15.60 -8.28
C PRO A 9 -4.98 15.12 -9.27
N TYR A 10 -4.67 14.04 -9.99
CA TYR A 10 -5.62 13.40 -10.90
C TYR A 10 -5.36 11.89 -10.94
N ILE A 11 -6.32 11.13 -11.48
CA ILE A 11 -6.16 9.70 -11.63
C ILE A 11 -4.90 9.38 -12.40
N GLY A 12 -4.02 8.56 -11.83
CA GLY A 12 -2.81 8.14 -12.51
C GLY A 12 -1.59 9.01 -12.26
N SER A 13 -1.77 10.11 -11.54
CA SER A 13 -0.65 10.99 -11.21
C SER A 13 0.22 10.36 -10.11
N LYS A 14 1.46 10.80 -10.03
CA LYS A 14 2.40 10.30 -9.04
C LYS A 14 2.21 11.07 -7.73
N ILE A 15 1.84 10.34 -6.69
CA ILE A 15 1.52 10.94 -5.40
C ILE A 15 2.59 10.67 -4.34
N SER A 16 2.99 11.72 -3.64
CA SER A 16 3.81 11.58 -2.43
C SER A 16 2.93 11.83 -1.22
N LEU A 17 2.88 10.85 -0.31
CA LEU A 17 1.93 10.86 0.78
C LEU A 17 2.60 10.55 2.11
N ILE A 18 2.54 11.52 3.03
CA ILE A 18 3.07 11.33 4.38
C ILE A 18 1.94 10.98 5.35
N SER A 19 2.03 9.81 5.96
CA SER A 19 1.04 9.38 6.93
C SER A 19 1.27 10.08 8.27
N LYS A 20 0.38 9.86 9.23
CA LYS A 20 0.47 10.53 10.53
C LYS A 20 1.59 9.94 11.38
N ALA A 21 2.13 8.81 10.95
CA ALA A 21 3.31 8.22 11.60
C ALA A 21 4.59 8.77 10.96
N GLU A 22 4.45 9.84 10.18
CA GLU A 22 5.56 10.53 9.53
C GLU A 22 6.24 9.69 8.45
N ILE A 23 5.61 8.59 8.05
CA ILE A 23 6.15 7.73 7.00
C ILE A 23 5.66 8.18 5.63
N ARG A 24 6.59 8.31 4.69
CA ARG A 24 6.27 8.83 3.36
C ARG A 24 6.16 7.71 2.32
N TYR A 25 5.11 7.79 1.50
CA TYR A 25 4.85 6.80 0.47
C TYR A 25 4.79 7.45 -0.91
N GLU A 26 5.35 6.79 -1.92
CA GLU A 26 5.19 7.21 -3.31
C GLU A 26 4.46 6.14 -4.09
N GLY A 27 3.39 6.52 -4.78
CA GLY A 27 2.63 5.59 -5.58
C GLY A 27 1.78 6.31 -6.62
N ILE A 28 1.16 5.54 -7.51
CA ILE A 28 0.26 6.07 -8.51
C ILE A 28 -1.17 6.14 -7.96
N LEU A 29 -1.83 7.28 -8.11
CA LEU A 29 -3.21 7.43 -7.67
C LEU A 29 -4.13 6.60 -8.57
N TYR A 30 -4.62 5.50 -8.01
CA TYR A 30 -5.44 4.55 -8.77
C TYR A 30 -6.89 5.00 -8.80
N THR A 31 -7.46 5.28 -7.63
CA THR A 31 -8.80 5.82 -7.53
C THR A 31 -9.13 6.31 -6.12
N ILE A 32 -10.36 6.79 -5.95
CA ILE A 32 -10.83 7.33 -4.69
C ILE A 32 -12.23 6.81 -4.38
N ASP A 33 -12.51 6.66 -3.09
CA ASP A 33 -13.84 6.27 -2.61
C ASP A 33 -14.36 7.36 -1.68
N THR A 34 -15.17 8.25 -2.23
CA THR A 34 -15.64 9.43 -1.49
C THR A 34 -16.56 9.05 -0.34
N GLU A 35 -17.19 7.89 -0.43
CA GLU A 35 -18.15 7.46 0.58
C GLU A 35 -17.45 7.08 1.88
N ASN A 36 -16.35 6.34 1.77
CA ASN A 36 -15.58 5.91 2.93
C ASN A 36 -14.35 6.77 3.18
N SER A 37 -14.17 7.80 2.36
CA SER A 37 -13.01 8.68 2.45
C SER A 37 -11.70 7.90 2.42
N THR A 38 -11.59 6.97 1.47
CA THR A 38 -10.38 6.18 1.30
C THR A 38 -9.71 6.45 -0.04
N VAL A 39 -8.41 6.20 -0.08
CA VAL A 39 -7.57 6.51 -1.23
C VAL A 39 -6.71 5.31 -1.58
N ALA A 40 -6.73 4.91 -2.84
CA ALA A 40 -5.95 3.77 -3.30
C ALA A 40 -4.76 4.22 -4.14
N LEU A 41 -3.56 3.86 -3.68
CA LEU A 41 -2.34 4.06 -4.46
C LEU A 41 -1.85 2.72 -5.00
N ALA A 42 -1.22 2.74 -6.17
CA ALA A 42 -0.70 1.53 -6.80
C ALA A 42 0.80 1.63 -7.02
N LYS A 43 1.47 0.49 -7.09
CA LYS A 43 2.93 0.42 -7.21
C LYS A 43 3.58 1.35 -6.19
N VAL A 44 3.31 1.09 -4.92
CA VAL A 44 3.71 1.99 -3.84
C VAL A 44 4.99 1.50 -3.16
N ARG A 45 5.82 2.45 -2.73
CA ARG A 45 7.02 2.15 -1.98
C ARG A 45 7.09 3.01 -0.72
N SER A 46 7.57 2.41 0.38
CA SER A 46 7.68 3.10 1.66
C SER A 46 9.07 3.70 1.82
N PHE A 47 9.12 5.02 2.04
CA PHE A 47 10.39 5.74 2.19
C PHE A 47 10.76 5.95 3.66
N GLY A 48 9.88 5.57 4.56
CA GLY A 48 10.13 5.70 5.99
C GLY A 48 9.99 7.13 6.48
N THR A 49 10.58 7.39 7.64
CA THR A 49 10.42 8.67 8.33
C THR A 49 11.38 9.75 7.81
N GLU A 50 12.42 9.31 7.12
CA GLU A 50 13.42 10.19 6.53
C GLU A 50 13.95 11.25 7.50
N ASP A 51 13.65 12.53 7.24
CA ASP A 51 14.18 13.62 8.05
C ASP A 51 13.12 14.22 8.99
N ARG A 52 11.95 13.60 9.06
CA ARG A 52 10.90 14.04 9.96
C ARG A 52 11.15 13.49 11.36
N PRO A 53 11.38 14.37 12.36
CA PRO A 53 11.71 13.88 13.70
C PRO A 53 10.67 12.96 14.32
N THR A 54 11.15 11.95 15.04
CA THR A 54 10.29 10.95 15.67
C THR A 54 11.14 10.00 16.51
N ASP A 55 10.55 9.44 17.56
CA ASP A 55 11.26 8.52 18.43
C ASP A 55 11.06 7.07 17.99
N ARG A 56 10.58 6.90 16.76
CA ARG A 56 10.39 5.58 16.16
C ARG A 56 10.73 5.68 14.68
N PRO A 57 12.01 5.92 14.38
CA PRO A 57 12.46 6.12 13.00
C PRO A 57 12.30 4.88 12.12
N ILE A 58 11.98 5.11 10.85
CA ILE A 58 11.81 4.02 9.89
C ILE A 58 12.67 4.30 8.66
N PRO A 59 13.51 3.33 8.25
CA PRO A 59 14.27 3.52 7.02
C PRO A 59 13.48 3.09 5.79
N PRO A 60 13.92 3.50 4.59
CA PRO A 60 13.28 3.06 3.35
C PRO A 60 13.20 1.54 3.23
N ARG A 61 12.05 1.03 2.79
CA ARG A 61 11.87 -0.40 2.53
C ARG A 61 11.86 -0.61 1.01
N ASP A 62 12.51 -1.68 0.56
CA ASP A 62 12.69 -1.92 -0.87
C ASP A 62 11.40 -2.39 -1.55
N GLU A 63 10.58 -3.15 -0.81
CA GLU A 63 9.40 -3.81 -1.36
C GLU A 63 8.45 -2.86 -2.10
N VAL A 64 7.84 -3.38 -3.17
CA VAL A 64 6.85 -2.65 -3.94
C VAL A 64 5.47 -3.27 -3.73
N PHE A 65 4.52 -2.46 -3.24
CA PHE A 65 3.20 -2.94 -2.91
C PHE A 65 2.23 -2.72 -4.07
N GLU A 66 1.42 -3.74 -4.34
CA GLU A 66 0.47 -3.70 -5.45
C GLU A 66 -0.57 -2.61 -5.24
N TYR A 67 -1.16 -2.60 -4.05
CA TYR A 67 -2.12 -1.56 -3.66
C TYR A 67 -1.99 -1.25 -2.18
N ILE A 68 -2.04 0.03 -1.83
CA ILE A 68 -2.12 0.45 -0.44
C ILE A 68 -3.29 1.42 -0.28
N ILE A 69 -4.16 1.14 0.69
CA ILE A 69 -5.38 1.91 0.90
C ILE A 69 -5.24 2.84 2.12
N PHE A 70 -5.34 4.14 1.88
CA PHE A 70 -5.27 5.14 2.93
C PHE A 70 -6.65 5.73 3.22
N ARG A 71 -6.94 5.99 4.48
CA ARG A 71 -8.08 6.83 4.84
C ARG A 71 -7.60 8.27 4.86
N GLY A 72 -8.53 9.21 4.75
CA GLY A 72 -8.18 10.62 4.83
C GLY A 72 -7.59 10.98 6.19
N SER A 73 -8.01 10.25 7.23
CA SER A 73 -7.56 10.53 8.58
C SER A 73 -6.16 9.95 8.84
N ASP A 74 -5.65 9.21 7.86
CA ASP A 74 -4.29 8.67 7.94
C ASP A 74 -3.29 9.65 7.33
N ILE A 75 -3.80 10.63 6.60
CA ILE A 75 -2.98 11.51 5.78
C ILE A 75 -2.58 12.80 6.49
N LYS A 76 -1.28 12.97 6.72
CA LYS A 76 -0.75 14.20 7.27
C LYS A 76 -0.54 15.20 6.15
N ASP A 77 -0.12 14.70 5.00
CA ASP A 77 0.13 15.54 3.83
C ASP A 77 0.11 14.73 2.53
N LEU A 78 -0.30 15.38 1.45
CA LEU A 78 -0.42 14.72 0.15
C LEU A 78 -0.12 15.70 -0.98
N THR A 79 0.89 15.40 -1.79
CA THR A 79 1.31 16.29 -2.87
C THR A 79 1.59 15.50 -4.16
N VAL A 80 1.44 16.18 -5.30
CA VAL A 80 1.78 15.59 -6.58
C VAL A 80 3.27 15.74 -6.83
N CYS A 81 3.83 14.85 -7.64
CA CYS A 81 5.26 14.90 -7.99
C CYS A 81 5.46 15.42 -9.40
N GLY B 6 2.41 -29.74 0.78
CA GLY B 6 1.80 -29.08 1.91
C GLY B 6 0.29 -28.99 1.77
N LEU B 7 -0.15 -28.40 0.65
CA LEU B 7 -1.57 -28.28 0.35
C LEU B 7 -2.15 -29.59 -0.17
N ALA B 8 -1.30 -30.55 -0.50
CA ALA B 8 -1.74 -31.84 -1.01
C ALA B 8 -2.62 -32.57 0.00
N LYS B 9 -2.49 -32.19 1.27
CA LYS B 9 -3.28 -32.78 2.35
C LYS B 9 -4.77 -32.53 2.16
N TRP B 10 -5.12 -31.49 1.41
CA TRP B 10 -6.50 -31.07 1.26
C TRP B 10 -7.01 -31.11 -0.19
N PHE B 11 -6.08 -31.09 -1.15
CA PHE B 11 -6.44 -31.00 -2.56
C PHE B 11 -5.89 -32.16 -3.39
N GLY B 12 -6.66 -32.59 -4.38
CA GLY B 12 -6.27 -33.68 -5.24
C GLY B 12 -5.00 -33.38 -6.02
N SER B 13 -4.31 -34.44 -6.44
CA SER B 13 -3.06 -34.31 -7.17
C SER B 13 -3.28 -33.61 -8.51
N ASP B 14 -4.37 -33.97 -9.19
CA ASP B 14 -4.68 -33.42 -10.50
C ASP B 14 -4.93 -31.92 -10.43
N MSE B 15 -5.50 -31.45 -9.32
CA MSE B 15 -5.85 -30.04 -9.18
C MSE B 15 -4.62 -29.16 -9.01
O MSE B 15 -4.55 -28.07 -9.56
CB MSE B 15 -6.80 -29.83 -8.01
CG MSE B 15 -7.14 -28.35 -7.80
SE MSE B 15 -8.52 -28.02 -6.49
CE MSE B 15 -8.72 -26.10 -6.81
H MSE B 15 -5.69 -31.93 -8.63
HA MSE B 15 -6.32 -29.76 -9.99
HB2 MSE B 15 -7.63 -30.31 -8.17
HB3 MSE B 15 -6.38 -30.16 -7.20
HG2 MSE B 15 -6.33 -27.90 -7.50
HG3 MSE B 15 -7.43 -27.98 -8.65
HE1 MSE B 15 -9.40 -25.75 -6.22
HE2 MSE B 15 -7.87 -25.65 -6.64
HE3 MSE B 15 -8.98 -25.96 -7.74
N LEU B 16 -3.65 -29.64 -8.24
CA LEU B 16 -2.41 -28.91 -8.02
C LEU B 16 -1.58 -28.79 -9.31
N GLN B 17 -1.94 -29.60 -10.30
CA GLN B 17 -1.18 -29.66 -11.55
C GLN B 17 -1.72 -28.72 -12.62
N GLN B 18 -3.02 -28.77 -12.88
CA GLN B 18 -3.62 -28.01 -13.97
C GLN B 18 -3.48 -26.50 -13.74
N PRO B 19 -3.61 -25.71 -14.82
CA PRO B 19 -3.49 -24.25 -14.69
C PRO B 19 -4.58 -23.66 -13.81
N LEU B 20 -4.20 -22.77 -12.91
CA LEU B 20 -5.12 -22.17 -11.95
C LEU B 20 -5.33 -20.69 -12.24
N PRO B 21 -6.51 -20.15 -11.88
CA PRO B 21 -6.71 -18.70 -12.00
C PRO B 21 -5.70 -17.90 -11.16
N SER B 22 -5.30 -16.74 -11.65
CA SER B 22 -4.32 -15.93 -10.95
C SER B 22 -4.93 -15.37 -9.66
N MSE B 23 -4.10 -15.28 -8.63
CA MSE B 23 -4.51 -14.76 -7.33
C MSE B 23 -5.02 -13.34 -7.47
O MSE B 23 -4.51 -12.57 -8.30
CB MSE B 23 -3.33 -14.81 -6.35
CG MSE B 23 -3.70 -14.98 -4.88
SE MSE B 23 -4.38 -16.77 -4.45
CE MSE B 23 -4.24 -16.69 -2.50
H MSE B 23 -3.28 -15.53 -8.65
HA MSE B 23 -5.22 -15.32 -6.97
HB2 MSE B 23 -2.76 -15.55 -6.59
HB3 MSE B 23 -2.84 -13.98 -6.43
HG2 MSE B 23 -2.92 -14.82 -4.34
HG3 MSE B 23 -4.39 -14.34 -4.65
HE1 MSE B 23 -4.54 -17.52 -2.13
HE2 MSE B 23 -3.31 -16.53 -2.26
HE3 MSE B 23 -4.78 -15.95 -2.18
N PRO B 24 -6.04 -12.95 -6.68
CA PRO B 24 -6.42 -11.54 -6.69
C PRO B 24 -5.29 -10.66 -6.17
N ALA B 25 -5.23 -9.41 -6.62
CA ALA B 25 -4.18 -8.49 -6.21
C ALA B 25 -4.20 -8.27 -4.70
N LYS B 26 -3.02 -8.38 -4.08
CA LYS B 26 -2.94 -8.16 -2.64
C LYS B 26 -3.15 -6.68 -2.36
N VAL B 27 -4.27 -6.38 -1.69
CA VAL B 27 -4.62 -5.01 -1.35
C VAL B 27 -4.50 -4.81 0.15
N ILE B 28 -3.50 -4.04 0.56
CA ILE B 28 -3.23 -3.85 1.98
C ILE B 28 -3.61 -2.44 2.45
N SER B 29 -3.97 -2.32 3.71
CA SER B 29 -4.32 -1.02 4.29
C SER B 29 -3.10 -0.47 5.03
N VAL B 30 -3.01 0.85 5.09
CA VAL B 30 -1.87 1.51 5.72
C VAL B 30 -1.79 1.16 7.20
N ASP B 31 -2.94 0.83 7.79
CA ASP B 31 -2.99 0.41 9.19
C ASP B 31 -2.12 -0.83 9.40
N GLU B 32 -2.41 -1.88 8.65
CA GLU B 32 -1.68 -3.14 8.77
C GLU B 32 -0.21 -2.96 8.42
N LEU B 33 0.06 -2.18 7.37
CA LEU B 33 1.42 -2.01 6.90
C LEU B 33 2.31 -1.36 7.97
N GLU B 34 1.79 -0.35 8.65
CA GLU B 34 2.56 0.37 9.67
C GLU B 34 2.59 -0.36 11.00
N TYR B 35 1.52 -1.11 11.28
CA TYR B 35 1.39 -1.82 12.55
C TYR B 35 2.35 -2.99 12.65
N ARG B 36 2.42 -3.79 11.58
CA ARG B 36 3.27 -4.97 11.55
C ARG B 36 4.74 -4.57 11.41
N GLN B 37 5.09 -4.08 10.22
CA GLN B 37 6.46 -3.68 9.91
C GLN B 37 6.47 -2.45 9.01
#